data_6VBO
#
_entry.id   6VBO
#
_cell.length_a   55.570
_cell.length_b   63.920
_cell.length_c   70.580
_cell.angle_alpha   90.000
_cell.angle_beta   92.960
_cell.angle_gamma   90.000
#
_symmetry.space_group_name_H-M   'P 1 21 1'
#
loop_
_entity.id
_entity.type
_entity.pdbx_description
1 polymer 'DH813 light chain'
2 polymer 'DH813 heavy chain'
3 polymer 'Envelope glycoprotein gp160'
4 water water
#
loop_
_entity_poly.entity_id
_entity_poly.type
_entity_poly.pdbx_seq_one_letter_code
_entity_poly.pdbx_strand_id
1 'polypeptide(L)'
;DDIVMTQSPLSLPVTLGQPASISCRSSQSLVHSDGNTYLNWYQQRPGQSPRRLIYKVSDRDSGVPDRFSGSGSGTDFTLE
ISRVEAEDVAVYYCMQGTHPFTFGPGTKVDINRTVAAPSVFIFPPSDEQLKSGTASVVCLLNNFYPREAKVQWKVDNALQ
SGNSQESVTEQDSKDSTYSLSSTLTLSKADYEKHKVYACEVTHQGLSSPVTKSFNRGE
;
L
2 'polypeptide(L)'
;EVQLVQSGAEVKKPGESLKISCKGSGYKFSDYWIGWVRQMPGKGLESMGIIYPGDSDTRYSPSFQGQVTISADKSINTAY
LQWNTLKASDTAMYYCAIVGAKADYWGQGTLVTVSSASTKGPSVFPLAPSSKSTSGGTAALGCLVKDYFPEPVTVSWNSG
ALTSGVHTFPAVLQSSGLYSLSSVVTVPSSSLGTQTYICNVNHKPSNTKVDKRVEPKSCDK
;
H
3 'polypeptide(L)' LRDKKQKVHALFYKLDIVPIED C
#
# COMPACT_ATOMS: atom_id res chain seq x y z
N ASP A 1 -15.35 19.41 15.68
CA ASP A 1 -16.09 18.44 16.49
C ASP A 1 -15.31 17.14 16.63
N ASP A 2 -15.14 16.39 15.55
CA ASP A 2 -14.40 15.14 15.62
C ASP A 2 -12.90 15.41 15.76
N ILE A 3 -12.23 14.60 16.56
CA ILE A 3 -10.79 14.75 16.71
C ILE A 3 -10.14 14.34 15.41
N VAL A 4 -9.04 15.01 15.07
CA VAL A 4 -8.27 14.73 13.88
C VAL A 4 -6.86 14.43 14.35
N MET A 5 -6.28 13.36 13.79
CA MET A 5 -4.95 12.88 14.16
C MET A 5 -4.03 13.13 12.98
N THR A 6 -2.90 13.77 13.22
CA THR A 6 -1.93 14.02 12.17
C THR A 6 -0.56 13.45 12.56
N GLN A 7 0.27 13.18 11.57
CA GLN A 7 1.64 12.80 11.83
C GLN A 7 2.60 13.60 10.96
N SER A 8 3.83 13.79 11.45
CA SER A 8 4.89 14.43 10.71
C SER A 8 6.22 13.71 10.95
N PRO A 9 7.02 13.48 9.94
CA PRO A 9 6.74 13.70 8.53
C PRO A 9 5.88 12.56 8.01
N LEU A 10 5.43 12.65 6.76
CA LEU A 10 4.67 11.54 6.18
C LEU A 10 5.62 10.48 5.65
N SER A 11 6.82 10.86 5.24
CA SER A 11 7.90 9.92 4.92
C SER A 11 9.18 10.32 5.67
N LEU A 12 9.74 9.38 6.42
CA LEU A 12 10.94 9.65 7.22
C LEU A 12 12.18 8.88 6.74
N PRO A 13 13.20 9.53 6.20
CA PRO A 13 14.45 8.81 5.92
C PRO A 13 15.23 8.55 7.21
N VAL A 14 15.70 7.30 7.33
CA VAL A 14 16.52 6.86 8.45
C VAL A 14 17.84 6.22 7.98
N THR A 15 18.77 6.12 8.92
CA THR A 15 20.06 5.46 8.72
C THR A 15 20.29 4.45 9.81
N LEU A 16 20.62 3.25 9.42
CA LEU A 16 20.87 2.23 10.40
C LEU A 16 22.03 2.65 11.27
N GLY A 17 21.88 2.47 12.58
CA GLY A 17 22.87 2.88 13.56
C GLY A 17 22.72 4.29 14.09
N GLN A 18 21.67 5.00 13.70
CA GLN A 18 21.43 6.37 14.15
C GLN A 18 20.01 6.49 14.68
N PRO A 19 19.72 7.51 15.48
CA PRO A 19 18.36 7.68 16.03
C PRO A 19 17.37 8.26 15.02
N ALA A 20 16.08 8.11 15.37
CA ALA A 20 15.01 8.60 14.51
C ALA A 20 13.83 8.99 15.39
N SER A 21 12.97 9.88 14.87
CA SER A 21 11.85 10.42 15.63
C SER A 21 10.67 10.70 14.69
N ILE A 22 9.47 10.33 15.13
CA ILE A 22 8.23 10.60 14.44
C ILE A 22 7.29 11.34 15.38
N SER A 23 6.58 12.35 14.85
CA SER A 23 5.60 13.12 15.61
C SER A 23 4.16 12.81 15.24
N CYS A 24 3.29 12.97 16.27
CA CYS A 24 1.87 12.79 16.16
C CYS A 24 1.22 13.94 16.87
N ARG A 25 0.13 14.46 16.30
CA ARG A 25 -0.64 15.49 16.96
C ARG A 25 -2.12 15.14 16.88
N SER A 26 -2.83 15.51 17.95
CA SER A 26 -4.28 15.45 17.95
C SER A 26 -4.86 16.87 18.00
N SER A 27 -6.01 17.08 17.38
CA SER A 27 -6.58 18.43 17.31
C SER A 27 -7.08 18.94 18.67
N GLN A 28 -7.33 18.04 19.61
CA GLN A 28 -7.71 18.39 20.97
C GLN A 28 -7.03 17.41 21.92
N SER A 29 -6.95 17.82 23.18
CA SER A 29 -6.24 16.99 24.14
C SER A 29 -6.83 15.57 24.19
N LEU A 30 -5.95 14.59 24.32
CA LEU A 30 -6.34 13.20 24.49
C LEU A 30 -6.40 12.75 25.95
N VAL A 31 -6.35 13.67 26.91
CA VAL A 31 -6.48 13.29 28.30
C VAL A 31 -7.93 12.90 28.58
N HIS A 32 -8.12 11.69 29.11
CA HIS A 32 -9.39 11.09 29.49
C HIS A 32 -9.86 11.65 30.85
N SER A 33 -11.16 11.52 31.10
CA SER A 33 -11.69 12.00 32.38
C SER A 33 -11.05 11.28 33.57
N ASP A 34 -10.63 10.02 33.39
CA ASP A 34 -9.95 9.31 34.47
C ASP A 34 -8.50 9.74 34.70
N GLY A 35 -8.02 10.75 33.97
CA GLY A 35 -6.70 11.30 34.18
C GLY A 35 -5.59 10.70 33.34
N ASN A 36 -5.84 9.55 32.73
CA ASN A 36 -4.88 8.92 31.84
C ASN A 36 -4.97 9.55 30.46
N THR A 37 -3.91 9.33 29.69
CA THR A 37 -3.84 9.71 28.30
C THR A 37 -3.69 8.44 27.45
N TYR A 38 -4.60 8.23 26.53
CA TYR A 38 -4.67 6.97 25.80
C TYR A 38 -4.25 7.25 24.35
N LEU A 39 -3.01 6.93 24.01
CA LEU A 39 -2.38 7.20 22.72
C LEU A 39 -1.48 6.01 22.49
N ASN A 40 -1.68 5.33 21.36
CA ASN A 40 -0.89 4.16 21.03
C ASN A 40 -0.05 4.36 19.77
N TRP A 41 1.03 3.60 19.64
CA TRP A 41 1.82 3.52 18.41
C TRP A 41 1.83 2.10 17.88
N TYR A 42 1.80 1.97 16.54
CA TYR A 42 1.88 0.68 15.89
C TYR A 42 2.88 0.65 14.74
N GLN A 43 3.49 -0.51 14.53
CA GLN A 43 4.46 -0.76 13.45
C GLN A 43 3.85 -1.75 12.48
N GLN A 44 4.01 -1.52 11.19
CA GLN A 44 3.54 -2.49 10.22
C GLN A 44 4.62 -2.65 9.17
N ARG A 45 5.29 -3.81 9.17
CA ARG A 45 6.26 -4.15 8.14
C ARG A 45 5.56 -4.60 6.84
N PRO A 46 6.25 -4.50 5.71
CA PRO A 46 5.61 -4.89 4.44
C PRO A 46 5.12 -6.33 4.46
N GLY A 47 3.83 -6.50 4.16
CA GLY A 47 3.22 -7.82 4.08
C GLY A 47 2.91 -8.48 5.40
N GLN A 48 2.99 -7.73 6.51
CA GLN A 48 2.68 -8.28 7.82
C GLN A 48 1.52 -7.52 8.46
N SER A 49 0.94 -8.15 9.49
CA SER A 49 -0.05 -7.51 10.32
C SER A 49 0.60 -6.42 11.17
N PRO A 50 -0.20 -5.43 11.59
CA PRO A 50 0.34 -4.41 12.50
C PRO A 50 0.71 -5.07 13.80
N ARG A 51 1.64 -4.44 14.53
CA ARG A 51 1.84 -4.81 15.92
C ARG A 51 1.99 -3.53 16.76
N ARG A 52 1.42 -3.56 17.95
CA ARG A 52 1.54 -2.40 18.81
C ARG A 52 2.92 -2.34 19.43
N LEU A 53 3.43 -1.13 19.51
CA LEU A 53 4.69 -0.88 20.20
C LEU A 53 4.50 -0.22 21.55
N ILE A 54 3.57 0.73 21.62
CA ILE A 54 3.42 1.60 22.75
C ILE A 54 1.93 1.77 23.02
N TYR A 55 1.58 1.78 24.30
CA TYR A 55 0.25 2.23 24.70
C TYR A 55 0.35 3.23 25.87
N LYS A 56 -0.72 3.98 26.12
CA LYS A 56 -0.72 4.97 27.21
C LYS A 56 0.51 5.89 27.13
N VAL A 57 0.82 6.34 25.91
CA VAL A 57 1.80 7.38 25.58
C VAL A 57 3.21 6.79 25.62
N SER A 58 3.54 6.07 26.72
CA SER A 58 4.92 5.65 26.92
C SER A 58 5.13 4.22 27.42
N ASP A 59 4.09 3.41 27.62
CA ASP A 59 4.28 2.04 28.08
C ASP A 59 4.60 1.13 26.89
N ARG A 60 5.71 0.42 26.99
CA ARG A 60 6.13 -0.46 25.91
C ARG A 60 5.51 -1.83 26.03
N ASP A 61 5.03 -2.35 24.90
CA ASP A 61 4.46 -3.70 24.87
C ASP A 61 5.53 -4.78 25.07
N SER A 62 5.07 -5.94 25.51
CA SER A 62 5.99 -7.05 25.76
C SER A 62 6.69 -7.46 24.48
N GLY A 63 8.00 -7.63 24.59
CA GLY A 63 8.76 -8.07 23.46
C GLY A 63 9.26 -6.97 22.56
N VAL A 64 8.82 -5.74 22.77
CA VAL A 64 9.31 -4.62 21.97
C VAL A 64 10.65 -4.17 22.53
N PRO A 65 11.68 -4.02 21.69
CA PRO A 65 13.01 -3.65 22.21
C PRO A 65 13.02 -2.27 22.86
N ASP A 66 13.92 -2.08 23.83
CA ASP A 66 13.97 -0.82 24.54
C ASP A 66 14.48 0.33 23.69
N ARG A 67 14.94 0.09 22.47
CA ARG A 67 15.27 1.22 21.60
C ARG A 67 14.06 2.04 21.17
N PHE A 68 12.85 1.47 21.31
CA PHE A 68 11.61 2.19 21.06
C PHE A 68 11.13 2.88 22.34
N SER A 69 10.71 4.15 22.23
CA SER A 69 10.09 4.86 23.34
C SER A 69 9.02 5.84 22.85
N GLY A 70 8.02 6.06 23.69
CA GLY A 70 7.00 7.06 23.41
C GLY A 70 7.06 8.22 24.40
N SER A 71 6.70 9.41 23.91
CA SER A 71 6.67 10.60 24.75
C SER A 71 5.53 11.53 24.38
N GLY A 72 5.32 12.57 25.20
CA GLY A 72 4.35 13.63 24.95
C GLY A 72 3.23 13.71 25.96
N SER A 73 2.34 14.68 25.75
CA SER A 73 1.16 14.95 26.60
C SER A 73 0.14 15.78 25.82
N GLY A 74 -1.10 15.84 26.31
CA GLY A 74 -2.16 16.66 25.69
C GLY A 74 -2.19 16.27 24.24
N THR A 75 -1.83 17.23 23.35
CA THR A 75 -2.00 17.11 21.89
C THR A 75 -0.72 16.72 21.16
N ASP A 76 0.47 16.74 21.78
CA ASP A 76 1.76 16.51 21.08
C ASP A 76 2.37 15.17 21.51
N PHE A 77 2.75 14.27 20.59
CA PHE A 77 3.23 12.90 20.92
C PHE A 77 4.37 12.56 19.97
N THR A 78 5.36 11.81 20.45
CA THR A 78 6.51 11.43 19.65
C THR A 78 6.83 9.96 19.88
N LEU A 79 7.27 9.28 18.84
CA LEU A 79 7.89 7.97 18.93
C LEU A 79 9.34 8.15 18.56
N GLU A 80 10.23 7.61 19.39
CA GLU A 80 11.65 7.70 19.12
C GLU A 80 12.24 6.31 19.04
N ILE A 81 13.22 6.15 18.14
CA ILE A 81 14.04 4.95 18.00
C ILE A 81 15.48 5.38 18.23
N SER A 82 16.13 4.84 19.28
CA SER A 82 17.41 5.39 19.74
C SER A 82 18.53 5.01 18.79
N ARG A 83 18.41 3.84 18.17
CA ARG A 83 19.39 3.36 17.20
C ARG A 83 18.65 2.47 16.21
N VAL A 84 18.45 2.96 14.98
CA VAL A 84 17.63 2.23 14.02
C VAL A 84 18.35 0.98 13.55
N GLU A 85 17.61 -0.12 13.47
CA GLU A 85 18.07 -1.39 12.92
C GLU A 85 17.27 -1.76 11.68
N ALA A 86 17.77 -2.75 10.92
CA ALA A 86 17.16 -3.05 9.62
C ALA A 86 15.67 -3.38 9.76
N GLU A 87 15.31 -4.11 10.81
CA GLU A 87 13.94 -4.57 10.96
C GLU A 87 12.98 -3.45 11.27
N ASP A 88 13.46 -2.25 11.52
CA ASP A 88 12.62 -1.12 11.90
C ASP A 88 12.09 -0.38 10.70
N VAL A 89 12.55 -0.71 9.49
CA VAL A 89 12.00 -0.09 8.29
C VAL A 89 10.58 -0.60 8.10
N ALA A 90 9.60 0.31 8.21
CA ALA A 90 8.18 -0.05 8.27
C ALA A 90 7.36 1.23 8.22
N VAL A 91 6.03 1.08 8.24
CA VAL A 91 5.13 2.20 8.41
C VAL A 91 4.73 2.26 9.88
N TYR A 92 4.69 3.47 10.43
CA TYR A 92 4.28 3.62 11.81
C TYR A 92 3.06 4.51 11.93
N TYR A 93 2.15 4.11 12.84
CA TYR A 93 0.86 4.76 12.97
C TYR A 93 0.64 5.12 14.43
N CYS A 94 0.20 6.36 14.71
CA CYS A 94 -0.34 6.65 16.03
C CYS A 94 -1.84 6.42 16.00
N MET A 95 -2.41 6.17 17.18
CA MET A 95 -3.85 5.96 17.25
C MET A 95 -4.41 6.44 18.58
N GLN A 96 -5.43 7.25 18.51
CA GLN A 96 -6.26 7.52 19.69
C GLN A 96 -6.69 6.20 20.35
N GLY A 97 -6.37 6.05 21.62
CA GLY A 97 -6.47 4.75 22.25
C GLY A 97 -7.78 4.45 22.90
N THR A 98 -8.76 5.35 22.75
CA THR A 98 -10.15 5.11 23.11
C THR A 98 -11.08 5.40 21.93
N HIS A 99 -12.30 4.91 22.04
CA HIS A 99 -13.28 5.02 20.97
C HIS A 99 -13.41 6.47 20.55
N PRO A 100 -13.46 6.79 19.25
CA PRO A 100 -13.56 5.87 18.11
C PRO A 100 -12.25 5.32 17.48
N PHE A 101 -11.14 5.44 18.21
CA PHE A 101 -9.90 4.80 17.83
C PHE A 101 -9.39 5.32 16.49
N THR A 102 -9.33 6.64 16.36
CA THR A 102 -8.88 7.28 15.13
C THR A 102 -7.38 7.06 14.94
N PHE A 103 -7.02 6.45 13.82
CA PHE A 103 -5.62 6.32 13.42
C PHE A 103 -5.11 7.60 12.78
N GLY A 104 -3.85 7.94 13.06
CA GLY A 104 -3.07 8.81 12.21
C GLY A 104 -2.89 8.22 10.83
N PRO A 105 -2.37 9.06 9.93
CA PRO A 105 -2.26 8.64 8.51
C PRO A 105 -1.12 7.69 8.26
N GLY A 106 -0.19 7.56 9.22
CA GLY A 106 0.97 6.71 8.96
C GLY A 106 2.18 7.52 8.53
N THR A 107 3.36 7.13 8.99
CA THR A 107 4.62 7.70 8.53
C THR A 107 5.42 6.55 7.93
N LYS A 108 5.83 6.70 6.68
CA LYS A 108 6.58 5.66 6.01
C LYS A 108 8.07 5.89 6.18
N VAL A 109 8.77 4.93 6.75
CA VAL A 109 10.21 5.01 6.93
C VAL A 109 10.91 4.36 5.73
N ASP A 110 11.95 5.05 5.22
CA ASP A 110 12.78 4.42 4.21
C ASP A 110 14.24 4.76 4.51
N ILE A 111 15.13 4.21 3.71
CA ILE A 111 16.56 4.36 3.94
C ILE A 111 17.04 5.66 3.32
N ASN A 112 17.69 6.49 4.14
CA ASN A 112 18.24 7.76 3.66
C ASN A 112 19.45 7.56 2.76
N ARG A 113 19.58 8.45 1.78
CA ARG A 113 20.75 8.52 0.90
C ARG A 113 20.78 9.91 0.27
N THR A 114 21.87 10.18 -0.46
CA THR A 114 22.01 11.46 -1.13
C THR A 114 20.92 11.59 -2.20
N VAL A 115 20.51 12.84 -2.42
CA VAL A 115 19.56 13.15 -3.49
C VAL A 115 20.08 12.64 -4.83
N ALA A 116 19.20 11.96 -5.58
CA ALA A 116 19.54 11.41 -6.90
C ALA A 116 18.44 11.77 -7.88
N ALA A 117 18.80 12.41 -9.02
CA ALA A 117 17.81 12.84 -10.00
C ALA A 117 17.34 11.66 -10.83
N PRO A 118 16.09 11.65 -11.27
CA PRO A 118 15.66 10.57 -12.17
C PRO A 118 16.24 10.73 -13.56
N SER A 119 16.49 9.59 -14.23
CA SER A 119 16.64 9.51 -15.68
C SER A 119 15.25 9.30 -16.27
N VAL A 120 14.86 10.09 -17.28
CA VAL A 120 13.48 10.11 -17.80
C VAL A 120 13.46 9.59 -19.24
N PHE A 121 12.46 8.77 -19.52
CA PHE A 121 12.26 8.17 -20.84
C PHE A 121 10.78 8.23 -21.17
N ILE A 122 10.45 8.41 -22.44
CA ILE A 122 9.07 8.35 -22.91
C ILE A 122 8.92 7.29 -24.02
N PHE A 123 7.81 6.57 -24.00
CA PHE A 123 7.53 5.50 -24.95
C PHE A 123 6.22 5.76 -25.64
N PRO A 124 6.19 5.88 -26.96
CA PRO A 124 4.93 5.98 -27.64
C PRO A 124 4.17 4.65 -27.59
N PRO A 125 2.84 4.68 -27.88
CA PRO A 125 2.07 3.42 -28.01
C PRO A 125 2.56 2.61 -29.19
N SER A 126 2.43 1.31 -29.07
CA SER A 126 2.85 0.41 -30.13
C SER A 126 1.81 0.38 -31.25
N ASP A 127 2.27 0.12 -32.47
CA ASP A 127 1.29 -0.03 -33.55
C ASP A 127 0.32 -1.17 -33.27
N GLU A 128 0.77 -2.22 -32.57
CA GLU A 128 -0.09 -3.35 -32.28
C GLU A 128 -1.18 -3.01 -31.27
N GLN A 129 -0.89 -2.11 -30.31
CA GLN A 129 -1.96 -1.70 -29.42
C GLN A 129 -2.97 -0.82 -30.16
N LEU A 130 -2.49 0.08 -31.02
CA LEU A 130 -3.38 1.04 -31.68
C LEU A 130 -4.43 0.33 -32.53
N LYS A 131 -4.06 -0.74 -33.22
CA LYS A 131 -5.04 -1.44 -34.04
C LYS A 131 -6.18 -2.02 -33.20
N SER A 132 -6.06 -2.02 -31.88
CA SER A 132 -7.12 -2.50 -31.01
C SER A 132 -8.00 -1.37 -30.49
N GLY A 133 -7.64 -0.11 -30.72
CA GLY A 133 -8.52 1.00 -30.37
C GLY A 133 -8.07 1.87 -29.20
N THR A 134 -6.95 1.54 -28.56
CA THR A 134 -6.46 2.26 -27.39
C THR A 134 -4.99 2.58 -27.59
N ALA A 135 -4.56 3.65 -26.92
CA ALA A 135 -3.19 4.13 -26.96
C ALA A 135 -2.73 4.33 -25.52
N SER A 136 -1.67 3.63 -25.15
CA SER A 136 -1.02 3.85 -23.86
C SER A 136 0.32 4.50 -24.07
N VAL A 137 0.55 5.66 -23.46
CA VAL A 137 1.81 6.37 -23.54
C VAL A 137 2.50 6.26 -22.18
N VAL A 138 3.77 5.88 -22.15
CA VAL A 138 4.42 5.60 -20.87
C VAL A 138 5.60 6.55 -20.65
N CYS A 139 5.70 7.09 -19.45
CA CYS A 139 6.83 7.91 -19.00
C CYS A 139 7.48 7.17 -17.84
N LEU A 140 8.80 6.90 -17.96
CA LEU A 140 9.58 6.23 -16.93
C LEU A 140 10.55 7.21 -16.27
N LEU A 141 10.55 7.21 -14.93
CA LEU A 141 11.47 7.97 -14.06
C LEU A 141 12.31 6.92 -13.35
N ASN A 142 13.58 6.84 -13.70
CA ASN A 142 14.42 5.76 -13.20
C ASN A 142 15.46 6.19 -12.15
N ASN A 143 15.47 5.46 -11.04
CA ASN A 143 16.55 5.50 -10.05
C ASN A 143 16.77 6.89 -9.47
N PHE A 144 15.74 7.36 -8.75
CA PHE A 144 15.78 8.63 -8.06
C PHE A 144 15.56 8.52 -6.54
N TYR A 145 15.94 9.60 -5.85
CA TYR A 145 15.74 9.70 -4.39
C TYR A 145 15.72 11.17 -4.03
N PRO A 146 14.81 11.65 -3.16
CA PRO A 146 13.71 10.94 -2.47
C PRO A 146 12.51 10.60 -3.34
N ARG A 147 11.51 9.95 -2.71
CA ARG A 147 10.36 9.42 -3.41
C ARG A 147 9.54 10.48 -4.13
N GLU A 148 9.47 11.67 -3.54
CA GLU A 148 8.59 12.73 -4.03
C GLU A 148 8.98 13.13 -5.43
N ALA A 149 8.04 13.08 -6.35
CA ALA A 149 8.30 13.44 -7.74
C ALA A 149 6.98 13.81 -8.36
N LYS A 150 7.03 14.73 -9.32
CA LYS A 150 5.84 15.18 -10.03
C LYS A 150 5.98 14.92 -11.53
N VAL A 151 4.95 14.34 -12.12
CA VAL A 151 4.92 14.06 -13.56
C VAL A 151 3.73 14.81 -14.14
N GLN A 152 3.95 15.58 -15.20
CA GLN A 152 2.87 16.31 -15.83
C GLN A 152 2.83 15.94 -17.30
N TRP A 153 1.71 15.36 -17.75
CA TRP A 153 1.54 15.07 -19.16
C TRP A 153 1.04 16.29 -19.92
N LYS A 154 1.53 16.45 -21.14
CA LYS A 154 1.12 17.56 -22.00
C LYS A 154 0.91 17.02 -23.41
N VAL A 155 -0.25 17.34 -23.99
CA VAL A 155 -0.60 16.92 -25.35
C VAL A 155 -0.88 18.17 -26.18
N ASP A 156 -0.03 18.44 -27.18
CA ASP A 156 -0.05 19.74 -27.89
C ASP A 156 -0.16 20.94 -26.93
N ASN A 157 0.65 20.92 -25.88
CA ASN A 157 0.70 21.96 -24.86
C ASN A 157 -0.51 22.00 -23.93
N ALA A 158 -1.44 21.08 -24.06
CA ALA A 158 -2.58 21.02 -23.13
C ALA A 158 -2.22 20.11 -21.97
N LEU A 159 -2.31 20.63 -20.75
CA LEU A 159 -2.02 19.83 -19.56
C LEU A 159 -3.10 18.79 -19.34
N GLN A 160 -2.69 17.54 -19.16
CA GLN A 160 -3.63 16.46 -18.97
C GLN A 160 -3.81 16.14 -17.49
N SER A 161 -5.03 15.76 -17.10
CA SER A 161 -5.34 15.39 -15.74
C SER A 161 -6.47 14.36 -15.77
N GLY A 162 -6.38 13.38 -14.88
CA GLY A 162 -7.42 12.40 -14.70
C GLY A 162 -7.33 11.19 -15.61
N ASN A 163 -6.42 11.21 -16.57
CA ASN A 163 -6.31 10.13 -17.54
C ASN A 163 -4.94 9.47 -17.49
N SER A 164 -4.29 9.51 -16.34
CA SER A 164 -3.04 8.79 -16.14
C SER A 164 -3.07 8.05 -14.81
N GLN A 165 -2.24 7.02 -14.70
CA GLN A 165 -2.03 6.31 -13.45
C GLN A 165 -0.53 6.08 -13.27
N GLU A 166 -0.09 6.16 -12.01
CA GLU A 166 1.30 6.04 -11.63
C GLU A 166 1.48 4.75 -10.83
N SER A 167 2.66 4.16 -10.95
CA SER A 167 3.09 3.06 -10.10
C SER A 167 4.56 3.30 -9.72
N VAL A 168 4.92 3.04 -8.47
CA VAL A 168 6.27 3.26 -7.97
C VAL A 168 6.79 1.94 -7.41
N THR A 169 8.05 1.62 -7.71
CA THR A 169 8.68 0.44 -7.13
C THR A 169 8.94 0.64 -5.62
N GLU A 170 9.11 -0.47 -4.92
CA GLU A 170 9.66 -0.40 -3.57
C GLU A 170 11.10 0.11 -3.62
N GLN A 171 11.56 0.68 -2.51
CA GLN A 171 12.92 1.18 -2.49
C GLN A 171 13.89 0.05 -2.83
N ASP A 172 14.76 0.30 -3.80
CA ASP A 172 15.72 -0.70 -4.28
C ASP A 172 16.73 -1.09 -3.20
N SER A 173 16.90 -2.39 -2.99
CA SER A 173 17.82 -2.81 -1.94
C SER A 173 19.28 -2.50 -2.27
N LYS A 174 19.60 -2.32 -3.55
CA LYS A 174 20.98 -2.08 -3.95
C LYS A 174 21.38 -0.61 -3.73
N ASP A 175 20.75 0.31 -4.46
CA ASP A 175 21.19 1.70 -4.46
C ASP A 175 20.22 2.58 -3.73
N SER A 176 19.18 2.00 -3.10
CA SER A 176 18.25 2.72 -2.22
C SER A 176 17.46 3.77 -2.97
N THR A 177 17.24 3.59 -4.24
CA THR A 177 16.51 4.55 -5.05
C THR A 177 15.09 4.04 -5.36
N TYR A 178 14.30 4.89 -6.00
CA TYR A 178 12.97 4.52 -6.50
C TYR A 178 12.92 4.65 -8.01
N SER A 179 11.94 3.95 -8.63
CA SER A 179 11.59 4.18 -10.02
C SER A 179 10.09 4.35 -10.10
N LEU A 180 9.63 5.02 -11.13
CA LEU A 180 8.22 5.29 -11.26
C LEU A 180 7.78 5.27 -12.72
N SER A 181 6.60 4.75 -12.98
CA SER A 181 6.01 4.74 -14.31
C SER A 181 4.71 5.53 -14.25
N SER A 182 4.46 6.36 -15.25
CA SER A 182 3.19 7.05 -15.41
C SER A 182 2.66 6.67 -16.77
N THR A 183 1.41 6.23 -16.85
CA THR A 183 0.82 5.73 -18.09
C THR A 183 -0.38 6.61 -18.41
N LEU A 184 -0.33 7.27 -19.58
CA LEU A 184 -1.43 8.07 -20.09
C LEU A 184 -2.22 7.20 -21.04
N THR A 185 -3.53 7.13 -20.83
CA THR A 185 -4.42 6.31 -21.62
C THR A 185 -5.39 7.18 -22.40
N LEU A 186 -5.41 7.02 -23.71
CA LEU A 186 -6.26 7.75 -24.63
C LEU A 186 -6.90 6.78 -25.59
N SER A 187 -8.04 7.16 -26.17
CA SER A 187 -8.58 6.38 -27.27
C SER A 187 -7.73 6.57 -28.52
N LYS A 188 -7.76 5.59 -29.42
CA LYS A 188 -7.05 5.73 -30.69
C LYS A 188 -7.51 6.98 -31.41
N ALA A 189 -8.82 7.24 -31.40
CA ALA A 189 -9.35 8.40 -32.11
C ALA A 189 -8.80 9.69 -31.53
N ASP A 190 -8.69 9.76 -30.21
CA ASP A 190 -8.14 10.97 -29.59
C ASP A 190 -6.63 11.09 -29.86
N TYR A 191 -5.92 9.98 -29.81
CA TYR A 191 -4.48 10.01 -30.00
C TYR A 191 -4.11 10.54 -31.38
N GLU A 192 -4.86 10.16 -32.41
CA GLU A 192 -4.56 10.57 -33.77
C GLU A 192 -4.90 12.01 -34.06
N LYS A 193 -5.60 12.69 -33.16
CA LYS A 193 -5.90 14.11 -33.33
C LYS A 193 -4.77 15.06 -32.93
N HIS A 194 -3.68 14.58 -32.32
CA HIS A 194 -2.66 15.44 -31.76
C HIS A 194 -1.29 14.95 -32.18
N LYS A 195 -0.34 15.86 -32.13
CA LYS A 195 1.00 15.59 -32.64
C LYS A 195 2.06 15.37 -31.57
N VAL A 196 2.18 16.29 -30.62
CA VAL A 196 3.29 16.32 -29.67
C VAL A 196 2.83 15.79 -28.32
N TYR A 197 3.46 14.71 -27.87
CA TYR A 197 3.19 14.09 -26.59
C TYR A 197 4.41 14.28 -25.71
N ALA A 198 4.22 14.83 -24.50
CA ALA A 198 5.33 15.18 -23.63
C ALA A 198 5.03 14.84 -22.17
N CYS A 199 6.09 14.46 -21.50
CA CYS A 199 6.10 14.20 -20.07
C CYS A 199 7.09 15.16 -19.42
N GLU A 200 6.65 15.89 -18.41
CA GLU A 200 7.51 16.87 -17.74
C GLU A 200 7.70 16.47 -16.27
N VAL A 201 8.95 16.32 -15.83
CA VAL A 201 9.25 15.74 -14.52
C VAL A 201 9.89 16.80 -13.65
N THR A 202 9.44 16.90 -12.38
CA THR A 202 9.97 17.82 -11.40
C THR A 202 10.40 16.97 -10.21
N HIS A 203 11.60 17.24 -9.71
CA HIS A 203 12.22 16.45 -8.66
C HIS A 203 13.32 17.28 -7.97
N GLN A 204 13.59 16.96 -6.71
CA GLN A 204 14.56 17.73 -5.95
C GLN A 204 15.96 17.65 -6.55
N GLY A 205 16.27 16.59 -7.29
CA GLY A 205 17.57 16.47 -7.91
C GLY A 205 17.72 17.12 -9.26
N LEU A 206 16.65 17.71 -9.79
CA LEU A 206 16.63 18.38 -11.09
C LEU A 206 16.56 19.89 -10.85
N SER A 207 17.59 20.60 -11.30
CA SER A 207 17.63 22.03 -11.12
C SER A 207 16.56 22.70 -11.95
N SER A 208 16.16 22.06 -13.05
CA SER A 208 15.06 22.53 -13.86
C SER A 208 14.23 21.30 -14.26
N PRO A 209 12.93 21.44 -14.40
CA PRO A 209 12.11 20.31 -14.85
C PRO A 209 12.66 19.75 -16.15
N VAL A 210 12.57 18.43 -16.29
CA VAL A 210 13.04 17.73 -17.48
C VAL A 210 11.82 17.33 -18.31
N THR A 211 11.82 17.68 -19.60
CA THR A 211 10.77 17.26 -20.52
C THR A 211 11.30 16.28 -21.58
N LYS A 212 10.62 15.16 -21.74
CA LYS A 212 10.85 14.21 -22.82
C LYS A 212 9.57 14.16 -23.65
N SER A 213 9.74 14.13 -24.97
CA SER A 213 8.59 14.21 -25.86
C SER A 213 8.85 13.50 -27.18
N PHE A 214 7.76 13.16 -27.84
CA PHE A 214 7.83 12.62 -29.20
C PHE A 214 6.70 13.20 -30.03
N ASN A 215 6.90 13.14 -31.37
CA ASN A 215 5.90 13.53 -32.35
C ASN A 215 5.23 12.27 -32.90
N ARG A 216 3.91 12.23 -32.80
CA ARG A 216 3.16 11.06 -33.24
C ARG A 216 3.53 10.70 -34.68
N GLY A 217 3.86 9.44 -34.88
CA GLY A 217 4.20 8.91 -36.18
C GLY A 217 5.68 8.98 -36.53
N GLU A 218 6.41 9.93 -35.95
CA GLU A 218 7.82 10.10 -36.26
C GLU A 218 8.66 9.10 -35.46
N GLU B 1 0.82 -19.62 22.44
CA GLU B 1 -0.52 -20.27 22.40
C GLU B 1 -1.62 -19.25 22.13
N VAL B 2 -1.47 -18.05 22.70
CA VAL B 2 -2.45 -16.99 22.45
C VAL B 2 -2.36 -16.59 20.98
N GLN B 3 -3.50 -16.66 20.28
CA GLN B 3 -3.48 -16.34 18.87
C GLN B 3 -4.88 -15.94 18.42
N LEU B 4 -4.93 -15.18 17.33
CA LEU B 4 -6.14 -14.87 16.58
C LEU B 4 -5.91 -15.38 15.17
N VAL B 5 -6.77 -16.30 14.70
CA VAL B 5 -6.68 -16.88 13.37
C VAL B 5 -7.91 -16.47 12.59
N GLN B 6 -7.70 -15.89 11.44
CA GLN B 6 -8.80 -15.42 10.61
C GLN B 6 -9.08 -16.41 9.50
N SER B 7 -10.29 -16.31 8.94
CA SER B 7 -10.69 -17.11 7.80
C SER B 7 -9.90 -16.71 6.54
N GLY B 8 -9.98 -17.53 5.53
CA GLY B 8 -9.12 -17.37 4.38
C GLY B 8 -9.56 -16.33 3.45
N ALA B 9 -8.68 -16.06 2.47
CA ALA B 9 -8.91 -15.06 1.43
C ALA B 9 -10.23 -15.28 0.69
N GLU B 10 -10.86 -14.18 0.35
CA GLU B 10 -12.19 -14.18 -0.25
C GLU B 10 -12.12 -13.55 -1.63
N VAL B 11 -12.73 -14.22 -2.60
CA VAL B 11 -12.87 -13.74 -3.96
C VAL B 11 -14.37 -13.72 -4.23
N LYS B 12 -14.96 -12.54 -4.35
CA LYS B 12 -16.42 -12.42 -4.42
C LYS B 12 -16.79 -11.35 -5.44
N LYS B 13 -18.09 -11.34 -5.83
CA LYS B 13 -18.62 -10.36 -6.78
C LYS B 13 -19.50 -9.32 -6.09
N PRO B 14 -19.61 -8.11 -6.64
CA PRO B 14 -20.52 -7.12 -6.04
C PRO B 14 -21.92 -7.68 -5.97
N GLY B 15 -22.62 -7.34 -4.91
CA GLY B 15 -23.97 -7.83 -4.68
C GLY B 15 -24.07 -9.02 -3.73
N GLU B 16 -23.01 -9.81 -3.59
CA GLU B 16 -23.05 -10.92 -2.64
C GLU B 16 -22.94 -10.43 -1.20
N SER B 17 -23.49 -11.22 -0.27
CA SER B 17 -23.23 -11.03 1.15
C SER B 17 -21.95 -11.75 1.57
N LEU B 18 -21.36 -11.31 2.69
CA LEU B 18 -20.11 -11.91 3.09
C LEU B 18 -20.03 -11.78 4.60
N LYS B 19 -19.62 -12.86 5.25
CA LYS B 19 -19.35 -12.86 6.69
C LYS B 19 -18.02 -13.54 6.96
N ILE B 20 -17.02 -12.79 7.44
CA ILE B 20 -15.69 -13.36 7.71
C ILE B 20 -15.46 -13.50 9.21
N SER B 21 -14.48 -14.29 9.62
CA SER B 21 -14.40 -14.71 11.01
C SER B 21 -12.99 -14.52 11.57
N CYS B 22 -12.92 -14.56 12.89
CA CYS B 22 -11.68 -14.37 13.63
C CYS B 22 -11.82 -15.23 14.88
N LYS B 23 -11.03 -16.29 14.98
CA LYS B 23 -11.07 -17.20 16.11
C LYS B 23 -9.89 -16.96 17.05
N GLY B 24 -10.19 -16.75 18.32
CA GLY B 24 -9.16 -16.46 19.30
C GLY B 24 -9.00 -17.65 20.21
N SER B 25 -7.75 -18.06 20.39
CA SER B 25 -7.42 -19.24 21.17
C SER B 25 -6.30 -18.96 22.16
N GLY B 26 -6.30 -19.69 23.27
CA GLY B 26 -5.25 -19.61 24.25
C GLY B 26 -5.54 -18.68 25.41
N TYR B 27 -6.71 -18.07 25.45
CA TYR B 27 -7.09 -17.14 26.49
C TYR B 27 -8.60 -17.17 26.61
N LYS B 28 -9.15 -16.45 27.61
CA LYS B 28 -10.60 -16.41 27.83
C LYS B 28 -11.25 -15.42 26.87
N PHE B 29 -11.68 -15.97 25.72
CA PHE B 29 -12.19 -15.13 24.64
C PHE B 29 -13.29 -14.18 25.09
N SER B 30 -14.10 -14.59 26.07
CA SER B 30 -15.25 -13.77 26.45
C SER B 30 -14.87 -12.47 27.18
N ASP B 31 -13.63 -12.35 27.66
CA ASP B 31 -13.28 -11.31 28.61
C ASP B 31 -12.50 -10.16 27.98
N TYR B 32 -12.23 -10.21 26.67
CA TYR B 32 -11.38 -9.20 26.03
C TYR B 32 -12.06 -8.65 24.78
N TRP B 33 -12.00 -7.33 24.60
CA TRP B 33 -12.61 -6.70 23.44
C TRP B 33 -11.86 -7.06 22.16
N ILE B 34 -12.63 -7.22 21.08
CA ILE B 34 -12.14 -7.56 19.76
C ILE B 34 -12.49 -6.41 18.83
N GLY B 35 -11.53 -6.02 18.03
CA GLY B 35 -11.76 -4.96 17.09
C GLY B 35 -11.50 -5.39 15.68
N TRP B 36 -12.12 -4.70 14.73
CA TRP B 36 -11.87 -4.91 13.31
C TRP B 36 -11.28 -3.65 12.69
N VAL B 37 -10.33 -3.85 11.77
CA VAL B 37 -9.57 -2.79 11.13
C VAL B 37 -9.54 -3.07 9.66
N ARG B 38 -9.79 -2.05 8.85
CA ARG B 38 -9.76 -2.12 7.41
C ARG B 38 -8.48 -1.47 6.89
N GLN B 39 -7.87 -2.08 5.87
CA GLN B 39 -6.74 -1.47 5.16
C GLN B 39 -6.94 -1.62 3.65
N MET B 40 -7.41 -0.56 3.02
CA MET B 40 -7.55 -0.57 1.57
C MET B 40 -6.17 -0.70 0.92
N PRO B 41 -6.11 -1.35 -0.27
CA PRO B 41 -4.83 -1.59 -0.93
C PRO B 41 -3.99 -0.32 -1.06
N GLY B 42 -2.98 -0.23 -0.25
CA GLY B 42 -2.08 0.91 -0.29
C GLY B 42 -2.36 2.00 0.71
N LYS B 43 -3.53 2.02 1.31
CA LYS B 43 -3.92 3.08 2.24
C LYS B 43 -3.52 2.71 3.68
N GLY B 44 -3.88 3.56 4.62
CA GLY B 44 -3.57 3.33 6.01
C GLY B 44 -4.60 2.44 6.72
N LEU B 45 -4.39 2.28 8.02
CA LEU B 45 -5.33 1.56 8.86
C LEU B 45 -6.54 2.40 9.26
N GLU B 46 -7.72 1.73 9.34
CA GLU B 46 -8.95 2.36 9.79
C GLU B 46 -9.70 1.47 10.77
N SER B 47 -10.07 2.03 11.90
CA SER B 47 -10.85 1.28 12.86
C SER B 47 -12.30 1.20 12.42
N MET B 48 -12.88 0.01 12.48
CA MET B 48 -14.28 -0.18 12.09
C MET B 48 -15.22 -0.28 13.27
N GLY B 49 -14.80 -0.95 14.33
CA GLY B 49 -15.64 -1.13 15.50
C GLY B 49 -15.07 -2.20 16.40
N ILE B 50 -15.64 -2.26 17.61
CA ILE B 50 -15.24 -3.23 18.62
C ILE B 50 -16.44 -3.95 19.21
N ILE B 51 -16.18 -5.13 19.77
CA ILE B 51 -17.22 -5.96 20.38
C ILE B 51 -16.63 -6.63 21.63
N TYR B 52 -17.43 -6.71 22.69
CA TYR B 52 -17.09 -7.47 23.88
C TYR B 52 -17.78 -8.82 23.77
N PRO B 53 -17.07 -9.92 23.51
CA PRO B 53 -17.78 -11.17 23.14
C PRO B 53 -18.60 -11.72 24.27
N GLY B 54 -18.27 -11.37 25.51
CA GLY B 54 -19.06 -11.84 26.65
C GLY B 54 -20.54 -11.59 26.50
N ASP B 55 -20.92 -10.34 26.17
CA ASP B 55 -22.32 -9.98 26.03
C ASP B 55 -22.64 -9.34 24.68
N SER B 56 -21.68 -9.33 23.76
CA SER B 56 -21.89 -8.78 22.41
C SER B 56 -22.22 -7.29 22.42
N ASP B 57 -21.75 -6.58 23.44
CA ASP B 57 -21.76 -5.12 23.39
C ASP B 57 -20.88 -4.62 22.25
N THR B 58 -21.46 -3.92 21.30
CA THR B 58 -20.80 -3.52 20.07
C THR B 58 -20.81 -2.01 19.94
N ARG B 59 -19.66 -1.45 19.57
CA ARG B 59 -19.49 -0.02 19.37
C ARG B 59 -18.79 0.23 18.05
N TYR B 60 -19.51 0.83 17.10
CA TYR B 60 -18.99 1.08 15.77
C TYR B 60 -18.33 2.46 15.69
N SER B 61 -17.25 2.55 14.91
CA SER B 61 -16.78 3.88 14.57
C SER B 61 -17.82 4.59 13.73
N PRO B 62 -18.00 5.90 13.92
CA PRO B 62 -18.99 6.64 13.12
C PRO B 62 -18.82 6.46 11.62
N SER B 63 -17.60 6.19 11.16
CA SER B 63 -17.36 6.07 9.73
C SER B 63 -17.95 4.78 9.16
N PHE B 64 -18.16 3.76 9.98
CA PHE B 64 -18.68 2.49 9.50
C PHE B 64 -20.04 2.11 10.05
N GLN B 65 -20.61 2.91 10.93
CA GLN B 65 -21.95 2.67 11.44
C GLN B 65 -22.93 2.49 10.28
N GLY B 66 -23.66 1.39 10.33
CA GLY B 66 -24.66 1.09 9.33
C GLY B 66 -24.16 0.38 8.09
N GLN B 67 -22.85 0.34 7.88
CA GLN B 67 -22.32 -0.32 6.69
C GLN B 67 -22.00 -1.80 6.91
N VAL B 68 -21.76 -2.20 8.16
CA VAL B 68 -21.31 -3.56 8.46
C VAL B 68 -21.96 -3.97 9.78
N THR B 69 -21.98 -5.26 10.01
CA THR B 69 -22.39 -5.83 11.29
C THR B 69 -21.24 -6.62 11.90
N ILE B 70 -20.89 -6.30 13.13
CA ILE B 70 -19.87 -7.01 13.91
C ILE B 70 -20.62 -7.87 14.93
N SER B 71 -20.25 -9.15 15.06
CA SER B 71 -20.94 -10.04 15.98
C SER B 71 -19.95 -11.07 16.47
N ALA B 72 -20.40 -11.96 17.35
CA ALA B 72 -19.52 -12.97 17.91
C ALA B 72 -20.31 -14.19 18.36
N ASP B 73 -19.75 -15.38 18.12
CA ASP B 73 -20.25 -16.65 18.66
C ASP B 73 -19.22 -17.11 19.69
N LYS B 74 -19.47 -16.79 20.95
CA LYS B 74 -18.46 -17.01 21.97
C LYS B 74 -18.30 -18.48 22.31
N SER B 75 -19.25 -19.33 21.94
CA SER B 75 -19.12 -20.75 22.28
C SER B 75 -17.95 -21.36 21.52
N ILE B 76 -17.63 -20.81 20.36
CA ILE B 76 -16.51 -21.27 19.55
C ILE B 76 -15.44 -20.21 19.46
N ASN B 77 -15.50 -19.21 20.34
CA ASN B 77 -14.43 -18.20 20.47
C ASN B 77 -14.19 -17.45 19.15
N THR B 78 -15.29 -17.07 18.50
CA THR B 78 -15.22 -16.47 17.17
C THR B 78 -15.98 -15.16 17.08
N ALA B 79 -15.34 -14.20 16.47
CA ALA B 79 -15.94 -12.92 16.14
C ALA B 79 -16.11 -12.86 14.64
N TYR B 80 -17.07 -12.04 14.20
CA TYR B 80 -17.42 -11.94 12.81
C TYR B 80 -17.57 -10.50 12.36
N LEU B 81 -17.37 -10.30 11.07
CA LEU B 81 -17.59 -9.04 10.37
C LEU B 81 -18.37 -9.39 9.10
N GLN B 82 -19.46 -8.65 8.86
CA GLN B 82 -20.44 -9.03 7.86
C GLN B 82 -20.95 -7.86 7.04
N TRP B 83 -21.09 -8.11 5.76
CA TRP B 83 -21.68 -7.19 4.81
C TRP B 83 -22.94 -7.79 4.19
N ASN B 84 -24.03 -7.01 4.12
CA ASN B 84 -25.24 -7.49 3.45
C ASN B 84 -25.05 -7.57 1.93
N THR B 85 -24.41 -6.56 1.35
CA THR B 85 -24.25 -6.45 -0.10
C THR B 85 -22.89 -5.82 -0.37
N LEU B 86 -21.96 -6.59 -0.90
CA LEU B 86 -20.62 -6.10 -1.17
C LEU B 86 -20.57 -5.14 -2.36
N LYS B 87 -19.64 -4.21 -2.28
CA LYS B 87 -19.28 -3.33 -3.38
C LYS B 87 -17.81 -3.56 -3.73
N ALA B 88 -17.43 -3.13 -4.93
CA ALA B 88 -16.03 -3.24 -5.35
C ALA B 88 -15.11 -2.46 -4.41
N SER B 89 -15.61 -1.37 -3.84
CA SER B 89 -14.83 -0.55 -2.94
C SER B 89 -14.62 -1.19 -1.57
N ASP B 90 -15.26 -2.33 -1.29
CA ASP B 90 -14.94 -3.09 -0.09
C ASP B 90 -13.68 -3.95 -0.24
N THR B 91 -13.06 -3.97 -1.41
CA THR B 91 -11.80 -4.67 -1.60
C THR B 91 -10.73 -4.10 -0.66
N ALA B 92 -10.22 -4.94 0.24
CA ALA B 92 -9.30 -4.47 1.27
C ALA B 92 -8.80 -5.68 2.05
N MET B 93 -7.83 -5.43 2.90
CA MET B 93 -7.39 -6.37 3.90
C MET B 93 -8.08 -6.02 5.19
N TYR B 94 -8.63 -7.03 5.88
CA TYR B 94 -9.36 -6.81 7.11
C TYR B 94 -8.66 -7.54 8.27
N TYR B 95 -8.40 -6.85 9.36
CA TYR B 95 -7.68 -7.42 10.49
C TYR B 95 -8.63 -7.47 11.66
N CYS B 96 -8.46 -8.49 12.50
CA CYS B 96 -9.00 -8.48 13.85
C CYS B 96 -7.86 -8.35 14.85
N ALA B 97 -8.19 -7.79 16.00
CA ALA B 97 -7.19 -7.60 17.04
C ALA B 97 -7.87 -7.53 18.38
N ILE B 98 -7.12 -7.88 19.44
CA ILE B 98 -7.56 -7.62 20.81
C ILE B 98 -7.36 -6.15 21.09
N VAL B 99 -8.38 -5.50 21.64
CA VAL B 99 -8.37 -4.05 21.82
C VAL B 99 -8.40 -3.76 23.31
N GLY B 100 -7.57 -2.80 23.74
CA GLY B 100 -7.80 -2.22 25.06
C GLY B 100 -7.10 -2.96 26.18
N ALA B 101 -6.35 -4.00 25.88
CA ALA B 101 -5.64 -4.77 26.88
C ALA B 101 -4.17 -4.34 26.95
N LYS B 102 -3.49 -4.78 28.02
CA LYS B 102 -2.06 -4.55 28.13
C LYS B 102 -1.28 -5.43 27.17
N ALA B 103 -1.91 -6.47 26.64
CA ALA B 103 -1.33 -7.35 25.64
C ALA B 103 -1.92 -7.04 24.27
N ASP B 104 -1.12 -7.26 23.23
CA ASP B 104 -1.49 -6.94 21.86
C ASP B 104 -1.38 -8.19 21.00
N TYR B 105 -2.48 -8.59 20.36
CA TYR B 105 -2.53 -9.73 19.46
C TYR B 105 -3.41 -9.36 18.28
N TRP B 106 -2.90 -9.63 17.08
CA TRP B 106 -3.57 -9.39 15.81
C TRP B 106 -3.73 -10.68 14.99
N GLY B 107 -4.84 -10.76 14.24
CA GLY B 107 -4.97 -11.83 13.25
C GLY B 107 -4.02 -11.63 12.07
N GLN B 108 -3.93 -12.64 11.21
CA GLN B 108 -3.03 -12.55 10.06
C GLN B 108 -3.66 -11.75 8.92
N GLY B 109 -4.91 -11.37 9.06
CA GLY B 109 -5.59 -10.65 7.99
C GLY B 109 -6.39 -11.57 7.09
N THR B 110 -7.49 -11.03 6.57
CA THR B 110 -8.30 -11.66 5.54
C THR B 110 -8.35 -10.73 4.33
N LEU B 111 -7.83 -11.20 3.19
CA LEU B 111 -7.83 -10.40 1.98
C LEU B 111 -9.17 -10.60 1.28
N VAL B 112 -9.89 -9.52 1.04
CA VAL B 112 -11.19 -9.58 0.40
C VAL B 112 -11.04 -8.84 -0.92
N THR B 113 -11.26 -9.54 -2.02
CA THR B 113 -11.26 -8.94 -3.35
C THR B 113 -12.65 -9.02 -3.98
N VAL B 114 -13.27 -7.88 -4.29
CA VAL B 114 -14.64 -7.82 -4.79
C VAL B 114 -14.59 -7.26 -6.19
N SER B 115 -15.00 -8.08 -7.17
CA SER B 115 -14.92 -7.67 -8.55
C SER B 115 -15.91 -8.44 -9.40
N SER B 116 -16.51 -7.75 -10.37
CA SER B 116 -17.35 -8.40 -11.37
C SER B 116 -16.61 -8.70 -12.68
N ALA B 117 -15.28 -8.53 -12.71
CA ALA B 117 -14.45 -8.97 -13.85
C ALA B 117 -14.32 -10.50 -13.95
N SER B 118 -14.14 -10.95 -15.18
CA SER B 118 -13.91 -12.36 -15.46
C SER B 118 -12.43 -12.60 -15.75
N THR B 119 -12.00 -13.83 -15.52
CA THR B 119 -10.60 -14.16 -15.75
C THR B 119 -10.21 -13.82 -17.17
N LYS B 120 -9.06 -13.18 -17.33
CA LYS B 120 -8.60 -12.69 -18.63
C LYS B 120 -7.08 -12.57 -18.62
N GLY B 121 -6.44 -13.11 -19.65
CA GLY B 121 -5.00 -13.01 -19.80
C GLY B 121 -4.57 -11.71 -20.46
N PRO B 122 -3.32 -11.31 -20.23
CA PRO B 122 -2.91 -9.97 -20.66
C PRO B 122 -2.53 -9.93 -22.14
N SER B 123 -2.66 -8.74 -22.72
CA SER B 123 -1.94 -8.37 -23.93
C SER B 123 -0.60 -7.77 -23.55
N VAL B 124 0.45 -8.12 -24.30
CA VAL B 124 1.80 -7.68 -23.99
C VAL B 124 2.28 -6.82 -25.15
N PHE B 125 2.66 -5.57 -24.87
CA PHE B 125 3.08 -4.60 -25.87
C PHE B 125 4.49 -4.14 -25.58
N PRO B 126 5.28 -3.84 -26.62
CA PRO B 126 6.66 -3.42 -26.37
C PRO B 126 6.72 -1.95 -25.96
N LEU B 127 7.66 -1.64 -25.07
CA LEU B 127 8.12 -0.28 -24.79
C LEU B 127 9.50 -0.16 -25.45
N ALA B 128 9.53 0.36 -26.68
CA ALA B 128 10.72 0.22 -27.51
C ALA B 128 11.72 1.33 -27.22
N PRO B 129 13.01 1.08 -27.27
CA PRO B 129 14.01 2.16 -27.13
C PRO B 129 14.30 2.88 -28.44
N SER B 130 14.63 4.16 -28.29
CA SER B 130 15.08 4.97 -29.44
C SER B 130 16.18 5.95 -29.01
N GLY B 137 24.60 7.51 -22.39
CA GLY B 137 24.81 6.33 -23.21
C GLY B 137 24.01 5.13 -22.75
N THR B 138 22.98 5.38 -21.96
CA THR B 138 22.08 4.33 -21.48
C THR B 138 20.69 4.48 -22.09
N ALA B 139 20.13 3.36 -22.50
CA ALA B 139 18.79 3.31 -23.07
C ALA B 139 17.86 2.53 -22.15
N ALA B 140 16.57 2.68 -22.38
CA ALA B 140 15.59 1.95 -21.60
C ALA B 140 14.59 1.29 -22.54
N LEU B 141 14.18 0.09 -22.16
CA LEU B 141 13.15 -0.62 -22.90
C LEU B 141 12.32 -1.41 -21.91
N GLY B 142 11.23 -1.98 -22.40
CA GLY B 142 10.32 -2.69 -21.51
C GLY B 142 9.17 -3.35 -22.23
N CYS B 143 8.30 -3.96 -21.41
CA CYS B 143 7.04 -4.52 -21.86
C CYS B 143 5.90 -3.93 -21.02
N LEU B 144 4.83 -3.55 -21.68
CA LEU B 144 3.56 -3.23 -21.05
C LEU B 144 2.61 -4.43 -21.04
N VAL B 145 2.24 -4.88 -19.84
CA VAL B 145 1.34 -6.02 -19.65
C VAL B 145 -0.03 -5.49 -19.25
N LYS B 146 -0.97 -5.49 -20.19
CA LYS B 146 -2.21 -4.76 -20.05
C LYS B 146 -3.40 -5.71 -19.96
N ASP B 147 -4.39 -5.30 -19.14
CA ASP B 147 -5.76 -5.79 -19.17
C ASP B 147 -5.84 -7.28 -18.82
N TYR B 148 -5.48 -7.57 -17.57
CA TYR B 148 -5.56 -8.94 -17.09
C TYR B 148 -6.33 -9.02 -15.78
N PHE B 149 -6.85 -10.21 -15.48
CA PHE B 149 -7.56 -10.45 -14.23
C PHE B 149 -7.62 -11.94 -13.96
N PRO B 150 -7.44 -12.39 -12.71
CA PRO B 150 -7.01 -11.60 -11.53
C PRO B 150 -5.50 -11.44 -11.44
N GLU B 151 -5.01 -10.77 -10.41
CA GLU B 151 -3.59 -10.81 -10.12
C GLU B 151 -3.18 -12.24 -9.72
N PRO B 152 -1.88 -12.59 -9.83
CA PRO B 152 -0.76 -11.80 -10.33
C PRO B 152 -0.24 -12.24 -11.70
N VAL B 153 0.70 -11.48 -12.24
CA VAL B 153 1.47 -11.87 -13.40
C VAL B 153 2.93 -11.77 -13.00
N THR B 154 3.76 -12.63 -13.56
CA THR B 154 5.19 -12.62 -13.32
C THR B 154 5.88 -12.23 -14.61
N VAL B 155 6.96 -11.46 -14.49
CA VAL B 155 7.78 -11.08 -15.62
C VAL B 155 9.25 -11.35 -15.33
N SER B 156 9.96 -11.88 -16.32
CA SER B 156 11.40 -12.04 -16.28
C SER B 156 11.92 -11.59 -17.63
N TRP B 157 13.24 -11.48 -17.72
CA TRP B 157 13.89 -11.02 -18.93
C TRP B 157 14.92 -12.06 -19.36
N ASN B 158 14.94 -12.34 -20.65
CA ASN B 158 15.86 -13.36 -21.18
C ASN B 158 15.91 -14.62 -20.31
N SER B 159 14.73 -15.09 -19.98
CA SER B 159 14.54 -16.33 -19.24
C SER B 159 15.26 -16.29 -17.89
N GLY B 160 15.39 -15.11 -17.32
CA GLY B 160 16.01 -14.97 -16.03
C GLY B 160 17.48 -14.66 -16.06
N ALA B 161 18.11 -14.64 -17.23
CA ALA B 161 19.53 -14.34 -17.34
C ALA B 161 19.81 -12.85 -17.21
N LEU B 162 18.82 -11.99 -17.45
CA LEU B 162 18.99 -10.55 -17.36
C LEU B 162 18.27 -10.06 -16.11
N THR B 163 19.04 -9.67 -15.11
CA THR B 163 18.46 -9.15 -13.87
C THR B 163 18.95 -7.76 -13.51
N SER B 164 20.18 -7.41 -13.88
CA SER B 164 20.72 -6.10 -13.52
C SER B 164 19.94 -5.02 -14.27
N GLY B 165 19.42 -4.06 -13.52
CA GLY B 165 18.78 -2.93 -14.13
C GLY B 165 17.31 -3.12 -14.40
N VAL B 166 16.77 -4.24 -14.07
CA VAL B 166 15.35 -4.54 -14.23
C VAL B 166 14.50 -3.93 -13.11
N HIS B 167 13.39 -3.33 -13.51
CA HIS B 167 12.38 -2.82 -12.58
C HIS B 167 11.00 -3.25 -13.04
N THR B 168 10.29 -4.04 -12.23
CA THR B 168 8.94 -4.51 -12.56
C THR B 168 7.98 -3.88 -11.56
N PHE B 169 7.07 -3.06 -12.08
CA PHE B 169 6.25 -2.19 -11.25
C PHE B 169 5.07 -2.95 -10.67
N PRO B 170 4.60 -2.51 -9.51
CA PRO B 170 3.34 -3.05 -9.00
C PRO B 170 2.21 -2.84 -10.00
N ALA B 171 1.28 -3.78 -10.04
CA ALA B 171 0.11 -3.64 -10.89
C ALA B 171 -0.78 -2.52 -10.37
N VAL B 172 -1.45 -1.85 -11.29
CA VAL B 172 -2.50 -0.88 -10.99
C VAL B 172 -3.84 -1.45 -11.45
N LEU B 173 -4.92 -1.08 -10.75
CA LEU B 173 -6.28 -1.44 -11.13
C LEU B 173 -6.86 -0.32 -11.98
N GLN B 174 -7.21 -0.65 -13.22
CA GLN B 174 -7.77 0.33 -14.12
C GLN B 174 -9.27 0.49 -13.84
N SER B 175 -9.84 1.59 -14.33
CA SER B 175 -11.28 1.81 -14.15
C SER B 175 -12.10 0.69 -14.77
N SER B 176 -11.55 -0.03 -15.73
CA SER B 176 -12.28 -1.12 -16.36
C SER B 176 -12.46 -2.32 -15.45
N GLY B 177 -11.75 -2.37 -14.32
CA GLY B 177 -11.72 -3.55 -13.51
C GLY B 177 -10.57 -4.51 -13.80
N LEU B 178 -9.80 -4.25 -14.85
CA LEU B 178 -8.65 -5.07 -15.21
C LEU B 178 -7.38 -4.41 -14.72
N TYR B 179 -6.36 -5.24 -14.46
CA TYR B 179 -5.06 -4.77 -14.02
C TYR B 179 -4.09 -4.51 -15.18
N SER B 180 -3.12 -3.66 -14.92
CA SER B 180 -2.02 -3.47 -15.86
C SER B 180 -0.72 -3.28 -15.11
N LEU B 181 0.41 -3.67 -15.72
CA LEU B 181 1.70 -3.27 -15.18
C LEU B 181 2.74 -3.17 -16.29
N SER B 182 3.88 -2.57 -15.97
CA SER B 182 5.01 -2.55 -16.88
C SER B 182 6.26 -3.11 -16.21
N SER B 183 7.18 -3.60 -17.03
CA SER B 183 8.52 -4.04 -16.61
C SER B 183 9.50 -3.38 -17.56
N VAL B 184 10.56 -2.77 -17.01
CA VAL B 184 11.57 -2.05 -17.78
C VAL B 184 12.95 -2.54 -17.40
N VAL B 185 13.88 -2.34 -18.33
CA VAL B 185 15.29 -2.56 -18.06
C VAL B 185 16.10 -1.45 -18.72
N THR B 186 17.15 -1.00 -18.04
CA THR B 186 18.09 -0.08 -18.63
C THR B 186 19.34 -0.85 -19.05
N VAL B 187 19.87 -0.50 -20.22
CA VAL B 187 21.01 -1.23 -20.80
C VAL B 187 21.91 -0.26 -21.53
N PRO B 188 23.18 -0.62 -21.72
CA PRO B 188 24.07 0.22 -22.52
C PRO B 188 23.50 0.40 -23.91
N SER B 189 23.37 1.66 -24.35
CA SER B 189 22.81 1.92 -25.68
C SER B 189 23.64 1.25 -26.76
N SER B 190 24.93 1.01 -26.51
CA SER B 190 25.77 0.32 -27.47
C SER B 190 25.36 -1.15 -27.66
N SER B 191 24.66 -1.73 -26.70
CA SER B 191 24.23 -3.12 -26.81
C SER B 191 22.94 -3.27 -27.61
N LEU B 192 22.28 -2.18 -27.97
CA LEU B 192 21.06 -2.27 -28.78
C LEU B 192 21.42 -2.75 -30.18
N GLY B 193 20.65 -3.69 -30.68
CA GLY B 193 20.92 -4.30 -31.99
C GLY B 193 21.79 -5.54 -31.93
N THR B 194 22.86 -5.49 -31.13
CA THR B 194 23.73 -6.64 -30.95
C THR B 194 23.24 -7.61 -29.87
N GLN B 195 22.49 -7.11 -28.89
CA GLN B 195 21.95 -7.91 -27.81
C GLN B 195 20.45 -8.09 -27.99
N THR B 196 19.95 -9.27 -27.60
CA THR B 196 18.55 -9.62 -27.72
C THR B 196 17.88 -9.44 -26.36
N TYR B 197 16.68 -8.86 -26.36
CA TYR B 197 15.94 -8.60 -25.13
C TYR B 197 14.53 -9.12 -25.30
N ILE B 198 14.17 -10.10 -24.47
CA ILE B 198 12.86 -10.75 -24.49
C ILE B 198 12.25 -10.72 -23.09
N CYS B 199 11.04 -10.21 -22.95
CA CYS B 199 10.33 -10.32 -21.69
C CYS B 199 9.40 -11.52 -21.68
N ASN B 200 9.54 -12.34 -20.64
CA ASN B 200 8.79 -13.57 -20.49
C ASN B 200 7.69 -13.27 -19.48
N VAL B 201 6.44 -13.37 -19.91
CA VAL B 201 5.28 -13.05 -19.09
C VAL B 201 4.48 -14.30 -18.83
N ASN B 202 4.09 -14.49 -17.57
CA ASN B 202 3.25 -15.63 -17.19
C ASN B 202 2.06 -15.16 -16.36
N HIS B 203 0.85 -15.58 -16.75
CA HIS B 203 -0.39 -15.34 -16.01
C HIS B 203 -1.05 -16.69 -15.77
N LYS B 204 -0.76 -17.30 -14.62
CA LYS B 204 -1.22 -18.66 -14.38
C LYS B 204 -2.74 -18.79 -14.35
N PRO B 205 -3.51 -17.85 -13.77
CA PRO B 205 -4.97 -18.03 -13.75
C PRO B 205 -5.59 -18.22 -15.13
N SER B 206 -4.97 -17.72 -16.19
CA SER B 206 -5.51 -17.96 -17.52
C SER B 206 -4.62 -18.89 -18.34
N ASN B 207 -3.61 -19.52 -17.72
CA ASN B 207 -2.64 -20.37 -18.43
C ASN B 207 -2.03 -19.63 -19.62
N THR B 208 -1.64 -18.39 -19.40
CA THR B 208 -1.06 -17.54 -20.44
C THR B 208 0.46 -17.51 -20.26
N LYS B 209 1.19 -17.78 -21.34
CA LYS B 209 2.64 -17.67 -21.37
C LYS B 209 3.00 -16.95 -22.65
N VAL B 210 3.73 -15.85 -22.53
CA VAL B 210 4.10 -15.01 -23.67
C VAL B 210 5.59 -14.69 -23.60
N ASP B 211 6.30 -14.81 -24.72
CA ASP B 211 7.67 -14.31 -24.87
C ASP B 211 7.63 -13.17 -25.89
N LYS B 212 7.99 -11.95 -25.48
CA LYS B 212 7.96 -10.79 -26.37
C LYS B 212 9.36 -10.23 -26.57
N ARG B 213 9.83 -10.22 -27.84
CA ARG B 213 11.13 -9.67 -28.22
C ARG B 213 10.90 -8.17 -28.44
N VAL B 214 11.69 -7.33 -27.77
CA VAL B 214 11.56 -5.89 -27.81
C VAL B 214 12.78 -5.36 -28.55
N GLU B 215 12.55 -4.76 -29.71
CA GLU B 215 13.56 -4.18 -30.58
C GLU B 215 13.36 -2.69 -30.67
N PRO B 216 14.39 -1.94 -31.08
CA PRO B 216 14.25 -0.49 -31.28
C PRO B 216 13.25 -0.12 -32.37
N LYS C 4 -20.07 -5.44 35.00
CA LYS C 4 -20.03 -4.07 34.49
C LYS C 4 -18.60 -3.51 34.56
N LYS C 5 -17.96 -3.70 35.72
CA LYS C 5 -16.62 -3.13 35.91
C LYS C 5 -15.58 -3.91 35.11
N GLN C 6 -15.74 -5.23 34.99
CA GLN C 6 -14.78 -6.04 34.25
C GLN C 6 -14.74 -5.63 32.80
N LYS C 7 -15.90 -5.30 32.23
CA LYS C 7 -15.97 -4.83 30.84
C LYS C 7 -15.13 -3.57 30.67
N VAL C 8 -15.31 -2.60 31.56
CA VAL C 8 -14.54 -1.36 31.52
C VAL C 8 -13.07 -1.63 31.84
N HIS C 9 -12.79 -2.49 32.81
CA HIS C 9 -11.41 -2.84 33.14
C HIS C 9 -10.69 -3.34 31.89
N ALA C 10 -11.39 -4.11 31.05
CA ALA C 10 -10.78 -4.75 29.88
C ALA C 10 -10.59 -3.78 28.73
N LEU C 11 -11.09 -2.55 28.85
CA LEU C 11 -11.04 -1.61 27.76
C LEU C 11 -9.97 -0.52 27.92
N PHE C 12 -9.40 -0.32 29.12
CA PHE C 12 -8.53 0.82 29.39
C PHE C 12 -7.11 0.42 29.81
N TYR C 13 -6.62 -0.67 29.23
CA TYR C 13 -5.20 -1.01 29.27
C TYR C 13 -4.73 -1.32 30.70
N LYS C 14 -5.58 -2.04 31.43
CA LYS C 14 -5.30 -2.50 32.78
C LYS C 14 -5.20 -4.02 32.91
N LEU C 15 -5.71 -4.78 31.94
CA LEU C 15 -5.76 -6.23 32.03
C LEU C 15 -4.78 -6.86 31.06
N ASP C 16 -3.96 -7.77 31.57
CA ASP C 16 -3.00 -8.47 30.74
C ASP C 16 -3.53 -9.85 30.37
N ILE C 17 -2.80 -10.51 29.47
CA ILE C 17 -3.04 -11.91 29.10
C ILE C 17 -1.75 -12.68 29.34
N VAL C 18 -1.90 -13.92 29.83
CA VAL C 18 -0.77 -14.80 30.08
C VAL C 18 -1.01 -16.11 29.36
N PRO C 19 -0.15 -16.51 28.40
CA PRO C 19 -0.36 -17.79 27.69
C PRO C 19 -0.27 -19.01 28.60
#